data_6MF9
#
_entry.id   6MF9
#
_cell.length_a   41.785
_cell.length_b   89.869
_cell.length_c   95.635
_cell.angle_alpha   90.000
_cell.angle_beta   90.000
_cell.angle_gamma   90.000
#
_symmetry.space_group_name_H-M   'P 21 21 21'
#
loop_
_entity.id
_entity.type
_entity.pdbx_description
1 polymer 'ZnKn (C2HC)+Athook+bromo domain protein, Taf250, transcription initiation factor IID'
2 non-polymer 4-{[(7R)-8-cyclopentyl-7-ethyl-5-methyl-6-oxo-5,6,7,8-tetrahydropteridin-2-yl]amino}-3-methoxy-N-(1-methylpiperidin-4-yl)benzamide
3 water water
#
_entity_poly.entity_id   1
_entity_poly.type   'polypeptide(L)'
_entity_poly.pdbx_seq_one_letter_code
;GLNGGSQTCNFNNALNPSNGGAGLHISNNLDGSHNVINAGPNITSYTEALDEFCIELQRIINSTKTLHHYSHVFWNRVSE
RIAPNYYNLVKRPMWLQLMINKCKKREYKSRKDFQDDLDLIVENCKIYNGVNHPLVSVATLIHSNVVKKIDEIQGIEKIE
AYLSLKP
;
_entity_poly.pdbx_strand_id   A,B
#
loop_
_chem_comp.id
_chem_comp.type
_chem_comp.name
_chem_comp.formula
R78 non-polymer 4-{[(7R)-8-cyclopentyl-7-ethyl-5-methyl-6-oxo-5,6,7,8-tetrahydropteridin-2-yl]amino}-3-methoxy-N-(1-methylpiperidin-4-yl)benzamide 'C28 H39 N7 O3'
#
# COMPACT_ATOMS: atom_id res chain seq x y z
N PRO A 41 12.07 8.47 -1.65
CA PRO A 41 12.31 7.63 -0.48
C PRO A 41 13.82 7.38 -0.27
N ASN A 42 14.34 7.93 0.83
CA ASN A 42 15.75 7.77 1.19
C ASN A 42 15.87 6.56 2.13
N ILE A 43 16.01 5.38 1.54
CA ILE A 43 16.29 4.16 2.31
C ILE A 43 17.77 4.16 2.71
N THR A 44 18.04 4.17 4.02
CA THR A 44 19.39 4.28 4.53
C THR A 44 19.65 3.26 5.65
N SER A 45 18.72 2.34 5.88
CA SER A 45 18.89 1.35 6.94
C SER A 45 18.05 0.12 6.60
N TYR A 46 18.35 -0.97 7.28
CA TYR A 46 17.59 -2.21 7.21
C TYR A 46 16.09 -1.96 7.48
N THR A 47 15.82 -1.23 8.55
CA THR A 47 14.46 -1.00 9.04
C THR A 47 13.66 -0.22 7.99
N GLU A 48 14.26 0.81 7.42
CA GLU A 48 13.60 1.60 6.38
C GLU A 48 13.36 0.74 5.13
N ALA A 49 14.30 -0.15 4.82
CA ALA A 49 14.16 -1.03 3.68
C ALA A 49 12.98 -2.00 3.88
N LEU A 50 12.88 -2.56 5.07
CA LEU A 50 11.83 -3.56 5.39
C LEU A 50 10.45 -2.88 5.37
N ASP A 51 10.35 -1.68 5.91
CA ASP A 51 9.11 -0.93 5.90
C ASP A 51 8.68 -0.69 4.45
N GLU A 52 9.62 -0.33 3.57
CA GLU A 52 9.25 -0.02 2.19
C GLU A 52 8.91 -1.33 1.44
N PHE A 53 9.69 -2.35 1.67
CA PHE A 53 9.45 -3.65 1.03
C PHE A 53 8.00 -4.10 1.25
N CYS A 54 7.56 -4.08 2.50
CA CYS A 54 6.26 -4.65 2.88
C CYS A 54 5.09 -3.77 2.42
N ILE A 55 5.28 -2.46 2.32
CA ILE A 55 4.30 -1.59 1.68
C ILE A 55 4.20 -1.93 0.18
N GLU A 56 5.33 -2.15 -0.49
CA GLU A 56 5.30 -2.45 -1.93
C GLU A 56 4.68 -3.84 -2.18
N LEU A 57 5.01 -4.83 -1.37
CA LEU A 57 4.40 -6.17 -1.51
C LEU A 57 2.88 -6.10 -1.36
N GLN A 58 2.40 -5.34 -0.37
N GLN A 58 2.38 -5.32 -0.40
CA GLN A 58 0.96 -5.12 -0.16
CA GLN A 58 0.92 -5.20 -0.19
C GLN A 58 0.32 -4.58 -1.45
C GLN A 58 0.27 -4.54 -1.42
N ARG A 59 0.93 -3.57 -2.04
CA ARG A 59 0.37 -2.95 -3.26
C ARG A 59 0.25 -3.99 -4.39
N ILE A 60 1.28 -4.79 -4.56
CA ILE A 60 1.34 -5.78 -5.60
C ILE A 60 0.25 -6.83 -5.36
N ILE A 61 0.12 -7.33 -4.14
CA ILE A 61 -0.92 -8.32 -3.83
C ILE A 61 -2.31 -7.71 -4.13
N ASN A 62 -2.51 -6.46 -3.72
CA ASN A 62 -3.78 -5.77 -3.90
C ASN A 62 -4.09 -5.61 -5.40
N SER A 63 -3.08 -5.39 -6.24
CA SER A 63 -3.29 -5.24 -7.69
C SER A 63 -3.86 -6.53 -8.31
N THR A 64 -3.72 -7.69 -7.66
CA THR A 64 -4.23 -8.94 -8.26
C THR A 64 -5.76 -8.95 -8.35
N LYS A 65 -6.46 -8.09 -7.59
CA LYS A 65 -7.93 -8.10 -7.59
C LYS A 65 -8.49 -7.83 -9.00
N THR A 66 -7.79 -7.05 -9.82
CA THR A 66 -8.28 -6.70 -11.15
C THR A 66 -7.64 -7.59 -12.21
N LEU A 67 -6.88 -8.59 -11.81
CA LEU A 67 -6.13 -9.37 -12.77
C LEU A 67 -7.05 -10.34 -13.53
N HIS A 68 -8.08 -10.85 -12.89
CA HIS A 68 -8.82 -11.94 -13.48
C HIS A 68 -10.14 -12.07 -12.73
N HIS A 69 -11.18 -12.46 -13.47
CA HIS A 69 -12.53 -12.56 -12.92
C HIS A 69 -12.63 -13.66 -11.85
N TYR A 70 -11.65 -14.57 -11.73
CA TYR A 70 -11.64 -15.58 -10.66
C TYR A 70 -10.50 -15.30 -9.65
N SER A 71 -9.82 -14.15 -9.68
CA SER A 71 -8.80 -13.76 -8.67
C SER A 71 -9.32 -13.85 -7.23
N HIS A 72 -10.55 -13.42 -7.03
CA HIS A 72 -11.12 -13.28 -5.68
C HIS A 72 -11.16 -14.61 -4.93
N VAL A 73 -11.13 -15.70 -5.67
CA VAL A 73 -11.18 -17.04 -5.07
C VAL A 73 -9.94 -17.29 -4.19
N PHE A 74 -8.86 -16.61 -4.48
CA PHE A 74 -7.59 -16.81 -3.77
C PHE A 74 -7.43 -15.82 -2.61
N TRP A 75 -8.43 -14.98 -2.36
CA TRP A 75 -8.27 -13.88 -1.43
C TRP A 75 -8.47 -14.34 0.01
N ASN A 76 -9.48 -15.16 0.28
CA ASN A 76 -9.82 -15.51 1.65
C ASN A 76 -9.57 -17.00 1.85
N ARG A 77 -9.54 -17.38 3.12
CA ARG A 77 -9.34 -18.74 3.56
C ARG A 77 -10.45 -19.64 3.00
N VAL A 78 -10.07 -20.81 2.54
CA VAL A 78 -11.01 -21.79 2.04
C VAL A 78 -11.89 -22.27 3.21
N SER A 79 -13.20 -22.22 3.02
CA SER A 79 -14.14 -22.70 4.03
C SER A 79 -14.42 -24.20 3.86
N GLU A 80 -14.43 -24.90 4.99
CA GLU A 80 -14.79 -26.32 5.07
C GLU A 80 -16.21 -26.55 4.51
N ARG A 81 -17.11 -25.60 4.65
CA ARG A 81 -18.49 -25.74 4.19
C ARG A 81 -18.51 -26.00 2.67
N ILE A 82 -17.54 -25.43 1.98
CA ILE A 82 -17.49 -25.45 0.53
C ILE A 82 -16.50 -26.52 0.05
N ALA A 83 -15.46 -26.85 0.82
N ALA A 83 -15.55 -26.92 0.90
CA ALA A 83 -14.40 -27.73 0.32
CA ALA A 83 -14.68 -28.10 0.66
C ALA A 83 -14.17 -28.88 1.31
C ALA A 83 -14.26 -28.73 1.99
N PRO A 84 -15.05 -29.89 1.25
N PRO A 84 -15.11 -29.61 2.54
CA PRO A 84 -14.85 -30.90 2.24
CA PRO A 84 -14.94 -30.18 3.86
C PRO A 84 -13.52 -31.61 1.95
C PRO A 84 -13.67 -31.03 4.03
N ASN A 85 -12.80 -31.92 3.01
N ASN A 85 -13.05 -31.48 2.94
CA ASN A 85 -11.56 -32.65 2.85
CA ASN A 85 -11.90 -32.40 3.05
C ASN A 85 -10.39 -31.68 2.66
C ASN A 85 -10.60 -31.71 2.56
N TYR A 86 -10.63 -30.39 2.41
CA TYR A 86 -9.52 -29.57 1.96
C TYR A 86 -8.36 -29.64 2.93
N TYR A 87 -8.64 -29.47 4.22
CA TYR A 87 -7.60 -29.37 5.25
C TYR A 87 -7.08 -30.77 5.64
N ASN A 88 -7.71 -31.83 5.15
CA ASN A 88 -7.11 -33.19 5.25
C ASN A 88 -5.95 -33.34 4.27
N LEU A 89 -6.04 -32.67 3.13
CA LEU A 89 -4.98 -32.74 2.11
C LEU A 89 -3.95 -31.62 2.32
N VAL A 90 -4.44 -30.41 2.59
CA VAL A 90 -3.62 -29.19 2.60
C VAL A 90 -3.24 -28.83 4.04
N LYS A 91 -1.99 -29.06 4.40
CA LYS A 91 -1.48 -28.77 5.76
C LYS A 91 -0.88 -27.36 5.86
N ARG A 92 -0.45 -26.77 4.76
CA ARG A 92 0.02 -25.37 4.82
C ARG A 92 -0.83 -24.52 3.87
N PRO A 93 -2.06 -24.24 4.27
CA PRO A 93 -2.92 -23.41 3.45
C PRO A 93 -2.38 -21.97 3.31
N MET A 94 -2.73 -21.30 2.24
CA MET A 94 -2.28 -19.94 2.03
C MET A 94 -3.33 -19.20 1.17
N TRP A 95 -3.48 -17.91 1.43
CA TRP A 95 -4.44 -17.11 0.72
C TRP A 95 -3.94 -15.66 0.77
N LEU A 96 -4.46 -14.83 -0.11
CA LEU A 96 -3.80 -13.55 -0.35
C LEU A 96 -3.99 -12.57 0.83
N GLN A 97 -5.12 -12.59 1.53
CA GLN A 97 -5.33 -11.69 2.69
C GLN A 97 -4.35 -12.04 3.81
N LEU A 98 -4.01 -13.31 3.95
CA LEU A 98 -3.05 -13.74 4.95
C LEU A 98 -1.67 -13.17 4.58
N MET A 99 -1.34 -13.15 3.30
CA MET A 99 -0.05 -12.60 2.89
C MET A 99 -0.04 -11.08 3.12
N ILE A 100 -1.15 -10.42 2.88
CA ILE A 100 -1.28 -8.99 3.24
C ILE A 100 -1.02 -8.80 4.75
N ASN A 101 -1.65 -9.62 5.58
CA ASN A 101 -1.49 -9.49 7.03
C ASN A 101 -0.04 -9.70 7.46
N LYS A 102 0.65 -10.65 6.82
CA LYS A 102 2.05 -10.89 7.10
C LYS A 102 2.88 -9.66 6.65
N CYS A 103 2.56 -9.02 5.53
CA CYS A 103 3.30 -7.79 5.14
C CYS A 103 3.11 -6.71 6.21
N LYS A 104 1.89 -6.55 6.71
CA LYS A 104 1.60 -5.48 7.68
C LYS A 104 2.36 -5.74 8.99
N LYS A 105 2.70 -6.99 9.28
CA LYS A 105 3.49 -7.33 10.48
C LYS A 105 4.98 -7.42 10.13
N ARG A 106 5.36 -7.07 8.90
CA ARG A 106 6.74 -7.02 8.47
C ARG A 106 7.41 -8.39 8.63
N GLU A 107 6.69 -9.46 8.29
CA GLU A 107 7.21 -10.81 8.47
C GLU A 107 7.95 -11.29 7.22
N TYR A 108 7.84 -10.59 6.10
CA TYR A 108 8.67 -10.95 4.93
C TYR A 108 10.01 -10.19 4.99
N LYS A 109 11.09 -10.90 5.31
CA LYS A 109 12.43 -10.30 5.44
C LYS A 109 13.20 -10.41 4.12
N SER A 110 12.63 -11.09 3.11
CA SER A 110 13.31 -11.23 1.83
C SER A 110 12.28 -11.61 0.74
N ARG A 111 12.74 -11.51 -0.50
CA ARG A 111 11.96 -11.91 -1.65
C ARG A 111 11.61 -13.40 -1.56
N LYS A 112 12.58 -14.21 -1.11
CA LYS A 112 12.40 -15.67 -1.02
C LYS A 112 11.31 -16.02 0.00
N ASP A 113 11.32 -15.41 1.19
CA ASP A 113 10.24 -15.61 2.17
C ASP A 113 8.88 -15.32 1.52
N PHE A 114 8.79 -14.21 0.78
CA PHE A 114 7.53 -13.85 0.16
C PHE A 114 7.14 -14.90 -0.89
N GLN A 115 8.07 -15.27 -1.75
CA GLN A 115 7.79 -16.16 -2.88
C GLN A 115 7.51 -17.59 -2.40
N ASP A 116 8.02 -17.96 -1.23
CA ASP A 116 7.68 -19.27 -0.63
C ASP A 116 6.17 -19.35 -0.35
N ASP A 117 5.56 -18.25 0.08
CA ASP A 117 4.13 -18.27 0.39
C ASP A 117 3.33 -18.24 -0.93
N LEU A 118 3.76 -17.41 -1.85
CA LEU A 118 3.13 -17.35 -3.16
C LEU A 118 3.18 -18.72 -3.86
N ASP A 119 4.28 -19.46 -3.73
CA ASP A 119 4.37 -20.82 -4.27
C ASP A 119 3.28 -21.72 -3.69
N LEU A 120 2.94 -21.59 -2.40
CA LEU A 120 1.94 -22.43 -1.76
C LEU A 120 0.57 -22.27 -2.44
N ILE A 121 0.23 -21.06 -2.84
CA ILE A 121 -1.08 -20.84 -3.45
C ILE A 121 -1.21 -21.71 -4.70
N VAL A 122 -0.17 -21.76 -5.53
CA VAL A 122 -0.17 -22.55 -6.76
C VAL A 122 -0.11 -24.03 -6.42
N GLU A 123 0.75 -24.42 -5.49
CA GLU A 123 0.99 -25.84 -5.17
C GLU A 123 -0.30 -26.47 -4.61
N ASN A 124 -0.94 -25.78 -3.67
CA ASN A 124 -2.16 -26.28 -3.05
C ASN A 124 -3.27 -26.34 -4.10
N CYS A 125 -3.32 -25.34 -4.96
CA CYS A 125 -4.36 -25.30 -5.98
C CYS A 125 -4.23 -26.51 -6.93
N LYS A 126 -3.01 -26.75 -7.43
CA LYS A 126 -2.72 -27.86 -8.33
C LYS A 126 -3.05 -29.21 -7.69
N ILE A 127 -2.64 -29.40 -6.44
CA ILE A 127 -2.73 -30.70 -5.83
C ILE A 127 -4.19 -30.98 -5.46
N TYR A 128 -4.91 -30.03 -4.89
CA TYR A 128 -6.26 -30.30 -4.47
C TYR A 128 -7.21 -30.39 -5.68
N ASN A 129 -7.09 -29.51 -6.66
CA ASN A 129 -8.08 -29.45 -7.74
C ASN A 129 -7.67 -30.29 -8.95
N GLY A 130 -6.40 -30.65 -9.11
CA GLY A 130 -5.93 -31.27 -10.36
C GLY A 130 -5.31 -30.24 -11.27
N VAL A 131 -4.24 -30.61 -11.99
CA VAL A 131 -3.40 -29.61 -12.66
C VAL A 131 -4.14 -29.00 -13.86
N ASN A 132 -5.17 -29.67 -14.37
CA ASN A 132 -5.92 -29.15 -15.52
C ASN A 132 -7.20 -28.41 -15.07
N HIS A 133 -7.49 -28.33 -13.76
CA HIS A 133 -8.63 -27.56 -13.28
C HIS A 133 -8.49 -26.10 -13.73
N PRO A 134 -9.59 -25.45 -14.10
CA PRO A 134 -9.50 -24.06 -14.58
C PRO A 134 -8.88 -23.07 -13.58
N LEU A 135 -9.02 -23.30 -12.28
CA LEU A 135 -8.45 -22.40 -11.29
C LEU A 135 -6.93 -22.44 -11.31
N VAL A 136 -6.33 -23.49 -11.85
CA VAL A 136 -4.86 -23.61 -11.86
C VAL A 136 -4.26 -22.52 -12.74
N SER A 137 -4.83 -22.28 -13.92
CA SER A 137 -4.29 -21.25 -14.80
C SER A 137 -4.44 -19.86 -14.16
N VAL A 138 -5.46 -19.66 -13.33
CA VAL A 138 -5.64 -18.39 -12.63
C VAL A 138 -4.55 -18.22 -11.56
N ALA A 139 -4.28 -19.28 -10.82
CA ALA A 139 -3.25 -19.24 -9.77
C ALA A 139 -1.86 -19.00 -10.38
N THR A 140 -1.58 -19.63 -11.52
CA THR A 140 -0.27 -19.46 -12.17
C THR A 140 -0.16 -18.06 -12.79
N LEU A 141 -1.25 -17.53 -13.35
CA LEU A 141 -1.29 -16.13 -13.80
C LEU A 141 -1.04 -15.15 -12.62
N ILE A 142 -1.66 -15.38 -11.48
CA ILE A 142 -1.40 -14.53 -10.30
C ILE A 142 0.09 -14.62 -9.93
N HIS A 143 0.60 -15.83 -9.86
CA HIS A 143 1.99 -16.07 -9.48
C HIS A 143 2.97 -15.33 -10.39
N SER A 144 2.81 -15.48 -11.71
CA SER A 144 3.79 -14.91 -12.63
C SER A 144 3.64 -13.38 -12.65
N ASN A 145 2.40 -12.89 -12.55
CA ASN A 145 2.16 -11.46 -12.56
C ASN A 145 2.81 -10.81 -11.32
N VAL A 146 2.64 -11.44 -10.17
CA VAL A 146 3.20 -10.92 -8.91
C VAL A 146 4.73 -10.86 -8.98
N VAL A 147 5.34 -11.97 -9.38
CA VAL A 147 6.79 -12.10 -9.49
C VAL A 147 7.36 -11.02 -10.41
N LYS A 148 6.71 -10.78 -11.53
CA LYS A 148 7.15 -9.76 -12.48
C LYS A 148 7.04 -8.38 -11.82
N LYS A 149 5.99 -8.13 -11.05
CA LYS A 149 5.84 -6.82 -10.45
C LYS A 149 6.88 -6.58 -9.36
N ILE A 150 7.37 -7.63 -8.71
CA ILE A 150 8.40 -7.42 -7.69
C ILE A 150 9.65 -6.82 -8.37
N ASP A 151 10.00 -7.36 -9.53
CA ASP A 151 11.18 -6.89 -10.26
C ASP A 151 11.01 -5.43 -10.71
N GLU A 152 9.77 -4.97 -10.86
CA GLU A 152 9.50 -3.57 -11.28
C GLU A 152 9.41 -2.63 -10.09
N ILE A 153 9.60 -3.09 -8.85
CA ILE A 153 9.53 -2.15 -7.73
C ILE A 153 10.65 -1.11 -7.89
N GLN A 154 10.30 0.17 -7.87
CA GLN A 154 11.28 1.28 -7.93
C GLN A 154 12.28 1.14 -6.77
N GLY A 155 13.55 0.90 -7.06
CA GLY A 155 14.57 0.82 -6.02
C GLY A 155 14.65 -0.56 -5.38
N ILE A 156 14.18 -1.59 -6.07
CA ILE A 156 14.16 -2.94 -5.48
C ILE A 156 15.57 -3.41 -5.14
N GLU A 157 16.57 -3.08 -5.97
CA GLU A 157 17.98 -3.51 -5.74
C GLU A 157 18.52 -2.90 -4.44
N LYS A 158 18.23 -1.61 -4.21
CA LYS A 158 18.60 -0.92 -2.99
C LYS A 158 17.86 -1.51 -1.78
N ILE A 159 16.57 -1.78 -1.94
CA ILE A 159 15.82 -2.42 -0.85
C ILE A 159 16.47 -3.76 -0.51
N GLU A 160 16.71 -4.60 -1.51
CA GLU A 160 17.27 -5.94 -1.23
C GLU A 160 18.70 -5.83 -0.65
N ALA A 161 19.46 -4.81 -1.04
CA ALA A 161 20.80 -4.61 -0.45
C ALA A 161 20.70 -4.36 1.06
N TYR A 162 19.89 -3.39 1.46
CA TYR A 162 19.76 -3.10 2.89
C TYR A 162 19.09 -4.26 3.64
N LEU A 163 18.19 -5.01 3.01
CA LEU A 163 17.60 -6.19 3.70
C LEU A 163 18.69 -7.23 4.01
N SER A 164 19.79 -7.25 3.25
CA SER A 164 20.89 -8.21 3.49
C SER A 164 21.80 -7.71 4.63
N LEU A 165 21.62 -6.48 5.12
CA LEU A 165 22.35 -6.00 6.30
C LEU A 165 21.52 -6.25 7.56
N LYS A 166 21.11 -7.48 7.83
CA LYS A 166 20.19 -7.80 8.96
C LYS A 166 20.70 -7.18 10.26
N GLY B 40 -8.38 -9.90 7.68
CA GLY B 40 -7.99 -8.51 8.14
C GLY B 40 -7.38 -8.56 9.54
N PRO B 41 -6.39 -7.67 9.81
CA PRO B 41 -5.85 -7.62 11.19
C PRO B 41 -6.91 -7.20 12.23
N ASN B 42 -6.83 -7.79 13.42
CA ASN B 42 -7.72 -7.43 14.53
C ASN B 42 -7.28 -6.08 15.09
N ILE B 43 -8.19 -5.11 15.18
CA ILE B 43 -7.91 -3.83 15.86
C ILE B 43 -8.47 -3.91 17.28
N THR B 44 -7.61 -3.92 18.30
CA THR B 44 -8.08 -4.08 19.69
C THR B 44 -7.38 -3.10 20.63
N SER B 45 -6.75 -2.06 20.09
CA SER B 45 -6.03 -1.10 20.94
C SER B 45 -5.72 0.17 20.14
N TYR B 46 -5.37 1.23 20.86
CA TYR B 46 -4.96 2.49 20.25
C TYR B 46 -3.79 2.23 19.29
N THR B 47 -2.76 1.56 19.78
CA THR B 47 -1.52 1.32 19.03
C THR B 47 -1.81 0.53 17.74
N GLU B 48 -2.65 -0.49 17.84
CA GLU B 48 -3.00 -1.29 16.65
C GLU B 48 -3.78 -0.39 15.67
N ALA B 49 -4.67 0.46 16.17
CA ALA B 49 -5.44 1.32 15.27
C ALA B 49 -4.50 2.26 14.53
N LEU B 50 -3.53 2.83 15.25
CA LEU B 50 -2.59 3.84 14.70
C LEU B 50 -1.71 3.21 13.60
N ASP B 51 -1.22 2.01 13.88
CA ASP B 51 -0.40 1.28 12.94
C ASP B 51 -1.20 1.04 11.65
N GLU B 52 -2.40 0.52 11.80
CA GLU B 52 -3.23 0.21 10.66
C GLU B 52 -3.55 1.50 9.89
N PHE B 53 -3.89 2.57 10.61
CA PHE B 53 -4.21 3.87 9.98
C PHE B 53 -3.04 4.32 9.10
N CYS B 54 -1.85 4.30 9.66
CA CYS B 54 -0.70 4.85 8.94
C CYS B 54 -0.21 3.92 7.83
N ILE B 55 -0.46 2.60 7.91
CA ILE B 55 -0.15 1.71 6.77
C ILE B 55 -1.11 2.03 5.62
N GLU B 56 -2.38 2.21 5.97
CA GLU B 56 -3.43 2.36 4.96
C GLU B 56 -3.30 3.75 4.29
N LEU B 57 -2.92 4.76 5.04
CA LEU B 57 -2.67 6.09 4.45
C LEU B 57 -1.55 6.03 3.40
N GLN B 58 -0.50 5.24 3.63
CA GLN B 58 0.56 5.08 2.63
C GLN B 58 0.03 4.42 1.35
N ARG B 59 -0.74 3.36 1.49
CA ARG B 59 -1.30 2.72 0.31
C ARG B 59 -2.04 3.76 -0.53
N ILE B 60 -2.85 4.56 0.14
CA ILE B 60 -3.67 5.55 -0.53
C ILE B 60 -2.79 6.63 -1.18
N ILE B 61 -1.82 7.15 -0.46
CA ILE B 61 -0.97 8.23 -1.02
C ILE B 61 -0.22 7.67 -2.23
N ASN B 62 0.32 6.46 -2.11
CA ASN B 62 1.07 5.84 -3.17
C ASN B 62 0.21 5.68 -4.42
N SER B 63 -1.07 5.39 -4.25
CA SER B 63 -1.97 5.21 -5.41
C SER B 63 -2.11 6.51 -6.23
N THR B 64 -1.75 7.67 -5.68
CA THR B 64 -1.88 8.93 -6.45
C THR B 64 -0.84 9.01 -7.58
N LYS B 65 0.20 8.19 -7.57
CA LYS B 65 1.20 8.22 -8.63
C LYS B 65 0.61 7.93 -10.02
N THR B 66 -0.44 7.12 -10.11
CA THR B 66 -0.99 6.71 -11.41
C THR B 66 -2.26 7.51 -11.72
N LEU B 67 -2.62 8.42 -10.85
CA LEU B 67 -3.91 9.10 -10.97
C LEU B 67 -3.91 10.07 -12.17
N HIS B 68 -2.81 10.79 -12.42
CA HIS B 68 -2.84 11.82 -13.46
C HIS B 68 -1.42 11.98 -14.00
N HIS B 69 -1.28 12.41 -15.25
CA HIS B 69 0.05 12.58 -15.88
C HIS B 69 0.90 13.67 -15.20
N TYR B 70 0.30 14.53 -14.36
CA TYR B 70 1.04 15.56 -13.64
C TYR B 70 1.04 15.26 -12.12
N SER B 71 0.59 14.05 -11.73
CA SER B 71 0.61 13.62 -10.31
C SER B 71 1.97 13.79 -9.68
N HIS B 72 3.01 13.43 -10.43
CA HIS B 72 4.36 13.31 -9.87
C HIS B 72 4.90 14.67 -9.38
N VAL B 73 4.36 15.80 -9.85
CA VAL B 73 4.94 17.09 -9.45
C VAL B 73 4.65 17.37 -7.97
N PHE B 74 3.67 16.68 -7.37
CA PHE B 74 3.34 16.91 -5.97
C PHE B 74 4.10 15.97 -5.06
N TRP B 75 5.03 15.18 -5.63
CA TRP B 75 5.63 14.13 -4.86
C TRP B 75 6.79 14.68 -4.02
N ASN B 76 7.66 15.51 -4.56
CA ASN B 76 8.87 15.90 -3.86
C ASN B 76 8.83 17.40 -3.52
N ARG B 77 9.77 17.77 -2.64
CA ARG B 77 10.00 19.16 -2.27
C ARG B 77 10.27 20.00 -3.51
N VAL B 78 9.63 21.15 -3.55
CA VAL B 78 9.87 22.14 -4.58
C VAL B 78 11.29 22.71 -4.39
N SER B 79 12.07 22.67 -5.46
CA SER B 79 13.43 23.21 -5.43
C SER B 79 13.42 24.72 -5.69
N GLU B 80 14.17 25.46 -4.86
CA GLU B 80 14.35 26.91 -5.00
C GLU B 80 14.91 27.23 -6.40
N ARG B 81 15.78 26.36 -6.90
CA ARG B 81 16.26 26.43 -8.29
C ARG B 81 15.09 26.61 -9.26
N ILE B 82 13.97 25.93 -9.03
CA ILE B 82 12.84 25.87 -9.98
C ILE B 82 11.81 26.97 -9.68
N ALA B 83 11.79 27.43 -8.42
N ALA B 83 11.59 27.30 -8.42
CA ALA B 83 11.07 28.64 -8.01
CA ALA B 83 10.44 28.15 -8.07
C ALA B 83 11.74 29.26 -6.77
C ALA B 83 10.93 29.33 -7.25
N PRO B 84 12.67 30.20 -6.99
N PRO B 84 11.48 30.35 -7.94
CA PRO B 84 13.48 30.77 -5.92
CA PRO B 84 12.12 31.40 -7.19
C PRO B 84 12.69 31.58 -4.88
C PRO B 84 11.06 32.02 -6.27
N ASN B 85 11.45 31.96 -5.16
N ASN B 85 11.43 32.16 -4.99
CA ASN B 85 10.68 32.81 -4.23
CA ASN B 85 10.62 32.90 -4.05
C ASN B 85 9.59 32.01 -3.49
C ASN B 85 9.53 32.02 -3.45
N TYR B 86 9.49 30.72 -3.77
CA TYR B 86 8.40 29.87 -3.27
C TYR B 86 8.35 29.92 -1.74
N TYR B 87 9.48 29.81 -1.07
CA TYR B 87 9.47 29.69 0.39
C TYR B 87 9.36 31.06 1.05
N ASN B 88 9.47 32.15 0.29
CA ASN B 88 9.17 33.48 0.81
C ASN B 88 7.64 33.59 1.02
N LEU B 89 6.84 32.95 0.15
CA LEU B 89 5.37 33.02 0.23
C LEU B 89 4.80 31.84 1.05
N VAL B 90 5.36 30.64 0.85
CA VAL B 90 4.82 29.40 1.42
C VAL B 90 5.65 29.04 2.66
N LYS B 91 5.06 29.21 3.84
CA LYS B 91 5.69 29.01 5.15
C LYS B 91 5.37 27.62 5.71
N ARG B 92 4.31 26.95 5.23
CA ARG B 92 4.05 25.56 5.60
C ARG B 92 3.98 24.74 4.30
N PRO B 93 5.13 24.50 3.69
CA PRO B 93 5.13 23.71 2.46
C PRO B 93 4.78 22.23 2.75
N MET B 94 4.26 21.54 1.74
CA MET B 94 3.83 20.16 1.92
C MET B 94 3.92 19.42 0.57
N TRP B 95 4.35 18.16 0.62
CA TRP B 95 4.49 17.32 -0.54
C TRP B 95 4.24 15.86 -0.11
N LEU B 96 3.90 15.02 -1.08
CA LEU B 96 3.37 13.67 -0.75
C LEU B 96 4.44 12.76 -0.11
N GLN B 97 5.71 12.88 -0.49
CA GLN B 97 6.78 12.09 0.16
C GLN B 97 6.86 12.46 1.65
N LEU B 98 6.68 13.76 1.99
CA LEU B 98 6.72 14.18 3.39
C LEU B 98 5.56 13.54 4.16
N MET B 99 4.40 13.43 3.51
CA MET B 99 3.25 12.81 4.14
C MET B 99 3.51 11.31 4.32
N ILE B 100 4.09 10.66 3.31
CA ILE B 100 4.52 9.25 3.47
C ILE B 100 5.48 9.15 4.67
N ASN B 101 6.44 10.06 4.78
CA ASN B 101 7.43 9.95 5.87
C ASN B 101 6.76 10.18 7.23
N LYS B 102 5.74 11.04 7.29
CA LYS B 102 5.02 11.25 8.55
C LYS B 102 4.15 10.03 8.89
N CYS B 103 3.60 9.33 7.89
CA CYS B 103 2.93 8.05 8.14
C CYS B 103 3.90 7.03 8.74
N LYS B 104 5.10 6.94 8.20
CA LYS B 104 6.10 5.95 8.64
C LYS B 104 6.51 6.25 10.09
N LYS B 105 6.42 7.50 10.52
CA LYS B 105 6.74 7.91 11.90
C LYS B 105 5.47 8.01 12.75
N ARG B 106 4.33 7.53 12.23
CA ARG B 106 3.08 7.44 12.98
C ARG B 106 2.73 8.80 13.58
N GLU B 107 2.89 9.86 12.78
CA GLU B 107 2.60 11.22 13.25
C GLU B 107 1.13 11.62 13.03
N TYR B 108 0.34 10.93 12.20
CA TYR B 108 -1.07 11.28 12.02
C TYR B 108 -1.95 10.48 13.01
N LYS B 109 -2.53 11.17 13.99
CA LYS B 109 -3.29 10.54 15.07
C LYS B 109 -4.80 10.66 14.81
N SER B 110 -5.20 11.29 13.71
CA SER B 110 -6.61 11.43 13.40
C SER B 110 -6.77 11.72 11.91
N ARG B 111 -7.96 11.46 11.42
CA ARG B 111 -8.31 11.80 10.07
C ARG B 111 -8.03 13.30 9.85
N LYS B 112 -8.42 14.14 10.80
CA LYS B 112 -8.24 15.60 10.67
C LYS B 112 -6.75 15.96 10.57
N ASP B 113 -5.88 15.40 11.40
CA ASP B 113 -4.42 15.64 11.28
C ASP B 113 -3.94 15.42 9.83
N PHE B 114 -4.39 14.31 9.24
CA PHE B 114 -3.95 13.94 7.93
C PHE B 114 -4.53 14.92 6.89
N GLN B 115 -5.82 15.23 6.99
CA GLN B 115 -6.48 16.05 5.94
C GLN B 115 -6.01 17.51 6.03
N ASP B 116 -5.56 17.96 7.19
CA ASP B 116 -4.94 19.27 7.32
C ASP B 116 -3.71 19.39 6.39
N ASP B 117 -2.91 18.32 6.25
CA ASP B 117 -1.70 18.38 5.41
C ASP B 117 -2.12 18.29 3.93
N LEU B 118 -3.09 17.43 3.67
CA LEU B 118 -3.62 17.31 2.32
C LEU B 118 -4.17 18.66 1.84
N ASP B 119 -4.87 19.35 2.74
CA ASP B 119 -5.41 20.66 2.46
C ASP B 119 -4.28 21.62 2.08
N LEU B 120 -3.11 21.50 2.70
CA LEU B 120 -2.00 22.41 2.43
C LEU B 120 -1.54 22.30 0.96
N ILE B 121 -1.51 21.10 0.43
CA ILE B 121 -1.04 20.90 -0.93
C ILE B 121 -1.91 21.71 -1.90
N VAL B 122 -3.22 21.72 -1.69
CA VAL B 122 -4.14 22.45 -2.54
C VAL B 122 -3.98 23.96 -2.29
N GLU B 123 -3.95 24.38 -1.03
CA GLU B 123 -3.90 25.81 -0.66
C GLU B 123 -2.63 26.44 -1.22
N ASN B 124 -1.48 25.80 -1.00
CA ASN B 124 -0.21 26.33 -1.43
C ASN B 124 -0.17 26.40 -2.96
N CYS B 125 -0.67 25.35 -3.61
CA CYS B 125 -0.70 25.30 -5.07
C CYS B 125 -1.53 26.46 -5.63
N LYS B 126 -2.74 26.67 -5.10
CA LYS B 126 -3.61 27.75 -5.53
C LYS B 126 -2.99 29.12 -5.26
N ILE B 127 -2.40 29.31 -4.09
CA ILE B 127 -1.94 30.64 -3.75
C ILE B 127 -0.68 30.96 -4.55
N TYR B 128 0.27 30.02 -4.66
CA TYR B 128 1.49 30.35 -5.38
C TYR B 128 1.24 30.42 -6.89
N ASN B 129 0.45 29.53 -7.45
CA ASN B 129 0.35 29.43 -8.90
C ASN B 129 -0.82 30.26 -9.44
N GLY B 130 -1.79 30.62 -8.62
CA GLY B 130 -3.05 31.20 -9.07
C GLY B 130 -4.10 30.13 -9.24
N VAL B 131 -5.35 30.47 -8.97
CA VAL B 131 -6.42 29.48 -8.86
C VAL B 131 -6.73 28.86 -10.22
N ASN B 132 -6.40 29.53 -11.32
CA ASN B 132 -6.73 28.99 -12.65
C ASN B 132 -5.51 28.30 -13.27
N HIS B 133 -4.38 28.20 -12.58
CA HIS B 133 -3.24 27.43 -13.07
C HIS B 133 -3.66 25.96 -13.28
N PRO B 134 -3.15 25.32 -14.34
CA PRO B 134 -3.48 23.92 -14.65
C PRO B 134 -3.14 22.93 -13.52
N LEU B 135 -2.11 23.20 -12.73
CA LEU B 135 -1.74 22.30 -11.61
C LEU B 135 -2.83 22.28 -10.53
N VAL B 136 -3.63 23.34 -10.41
CA VAL B 136 -4.66 23.39 -9.39
C VAL B 136 -5.66 22.24 -9.56
N SER B 137 -6.11 21.98 -10.78
CA SER B 137 -7.11 20.95 -10.96
C SER B 137 -6.49 19.56 -10.71
N VAL B 138 -5.17 19.44 -10.87
CA VAL B 138 -4.50 18.20 -10.52
C VAL B 138 -4.47 18.05 -8.98
N ALA B 139 -4.15 19.13 -8.28
CA ALA B 139 -4.11 19.08 -6.81
C ALA B 139 -5.50 18.74 -6.25
N THR B 140 -6.55 19.31 -6.82
CA THR B 140 -7.91 19.11 -6.31
C THR B 140 -8.40 17.69 -6.64
N LEU B 141 -7.99 17.16 -7.78
CA LEU B 141 -8.24 15.74 -8.10
C LEU B 141 -7.53 14.84 -7.08
N ILE B 142 -6.25 15.09 -6.81
CA ILE B 142 -5.54 14.29 -5.82
C ILE B 142 -6.30 14.36 -4.49
N HIS B 143 -6.69 15.56 -4.08
CA HIS B 143 -7.37 15.80 -2.79
C HIS B 143 -8.66 14.96 -2.69
N SER B 144 -9.50 15.09 -3.72
CA SER B 144 -10.80 14.40 -3.84
C SER B 144 -10.63 12.90 -3.76
N ASN B 145 -9.77 12.41 -4.61
CA ASN B 145 -9.50 10.99 -4.74
C ASN B 145 -9.06 10.41 -3.39
N VAL B 146 -8.14 11.08 -2.72
CA VAL B 146 -7.56 10.54 -1.46
C VAL B 146 -8.66 10.52 -0.37
N VAL B 147 -9.42 11.60 -0.27
CA VAL B 147 -10.43 11.72 0.77
C VAL B 147 -11.46 10.60 0.62
N LYS B 148 -11.90 10.35 -0.62
CA LYS B 148 -12.84 9.30 -0.94
C LYS B 148 -12.23 7.93 -0.56
N LYS B 149 -10.93 7.74 -0.76
CA LYS B 149 -10.33 6.45 -0.42
C LYS B 149 -10.19 6.28 1.11
N ILE B 150 -10.02 7.35 1.87
CA ILE B 150 -10.01 7.23 3.34
C ILE B 150 -11.36 6.61 3.75
N ASP B 151 -12.44 7.16 3.21
CA ASP B 151 -13.81 6.69 3.47
C ASP B 151 -13.94 5.17 3.33
N GLU B 152 -13.19 4.57 2.41
CA GLU B 152 -13.38 3.20 2.02
C GLU B 152 -12.32 2.29 2.66
N ILE B 153 -11.46 2.81 3.54
CA ILE B 153 -10.54 1.91 4.24
C ILE B 153 -11.38 0.89 5.02
N GLN B 154 -11.00 -0.39 4.99
CA GLN B 154 -11.76 -1.42 5.69
C GLN B 154 -11.51 -1.28 7.19
N GLY B 155 -12.56 -1.10 7.98
CA GLY B 155 -12.43 -0.92 9.43
C GLY B 155 -12.14 0.52 9.83
N ILE B 156 -12.32 1.50 8.93
CA ILE B 156 -11.94 2.89 9.24
C ILE B 156 -12.73 3.38 10.47
N GLU B 157 -13.97 2.91 10.63
CA GLU B 157 -14.82 3.38 11.73
C GLU B 157 -14.27 2.87 13.07
N LYS B 158 -13.79 1.63 13.10
CA LYS B 158 -13.18 1.04 14.28
C LYS B 158 -11.84 1.71 14.58
N ILE B 159 -11.05 1.96 13.55
CA ILE B 159 -9.76 2.64 13.70
C ILE B 159 -10.02 4.00 14.36
N GLU B 160 -11.01 4.73 13.86
CA GLU B 160 -11.24 6.10 14.33
C GLU B 160 -11.76 6.06 15.77
N ALA B 161 -12.61 5.08 16.08
CA ALA B 161 -13.09 4.91 17.46
C ALA B 161 -11.90 4.74 18.42
N TYR B 162 -10.95 3.86 18.10
CA TYR B 162 -9.78 3.67 18.97
C TYR B 162 -8.89 4.91 18.99
N LEU B 163 -8.72 5.59 17.87
CA LEU B 163 -7.80 6.74 17.89
C LEU B 163 -8.39 7.85 18.77
N SER B 164 -9.72 7.97 18.83
CA SER B 164 -10.35 9.01 19.64
C SER B 164 -10.18 8.70 21.14
N LEU B 165 -9.90 7.46 21.54
CA LEU B 165 -9.66 7.14 22.98
C LEU B 165 -8.37 7.81 23.47
N LYS B 166 -7.23 7.46 22.88
CA LYS B 166 -5.93 8.09 23.20
C LYS B 166 -5.14 7.19 24.15
N1 R78 C . -12.70 -20.28 -2.88
N3 R78 C . -12.15 -23.87 -4.74
C4 R78 C . -11.43 -20.70 -3.02
C5 R78 C . -10.80 -24.43 -4.85
C6 R78 C . -9.64 -23.56 -4.48
C7 R78 C . -16.24 -20.88 -3.26
C8 R78 C . -13.15 -24.47 -5.65
C10 R78 C . -11.25 -25.25 -2.52
C13 R78 C . -15.48 -25.22 -5.36
C15 R78 C . -14.02 -23.55 -6.50
C17 R78 C . -18.73 -20.59 -3.29
C20 R78 C . -16.47 -22.21 -3.59
C21 R78 C . -20.29 -22.51 -3.80
C22 R78 C . -21.80 -24.39 -4.36
C24 R78 C . -23.05 -26.24 -5.58
C28 R78 C . -23.54 -25.84 -3.21
O2 R78 C . -21.24 -21.79 -3.53
N6 R78 C . -20.49 -23.78 -4.21
C29 R78 C . -22.25 -25.03 -3.04
N7 R78 C . -23.39 -26.86 -4.28
C30 R78 C . -24.64 -27.63 -4.41
C23 R78 C . -21.74 -25.45 -5.46
C18 R78 C . -18.89 -21.93 -3.62
C16 R78 C . -17.47 -20.02 -3.11
O3 R78 C . -17.50 -18.68 -2.78
C31 R78 C . -16.47 -17.68 -2.94
C19 R78 C . -17.76 -22.73 -3.76
N5 R78 C . -14.97 -20.37 -3.12
C1 R78 C . -13.77 -20.94 -3.36
N2 R78 C . -13.57 -22.13 -3.99
C2 R78 C . -12.32 -22.62 -4.19
C14 R78 C . -15.46 -24.01 -6.29
C12 R78 C . -14.10 -25.24 -4.71
C9 R78 C . -10.81 -25.63 -3.91
O1 R78 C . -8.52 -23.96 -4.77
N4 R78 C . -9.84 -22.38 -3.88
C11 R78 C . -8.70 -21.51 -3.54
C3 R78 C . -11.15 -21.91 -3.66
N1 R78 D . 7.35 20.48 -8.76
N3 R78 D . 5.55 24.06 -9.89
C4 R78 D . 6.32 20.90 -8.01
C5 R78 D . 4.58 24.62 -8.92
C6 R78 D . 4.03 23.72 -7.85
C7 R78 D . 9.52 21.02 -11.57
C8 R78 D . 5.21 24.42 -11.29
C10 R78 D . 6.52 25.30 -7.49
C13 R78 D . 7.07 25.35 -12.62
C15 R78 D . 5.56 23.40 -12.37
C17 R78 D . 11.40 20.70 -13.15
C20 R78 D . 9.18 22.17 -12.27
C21 R78 D . 11.82 22.39 -14.99
C22 R78 D . 12.38 24.25 -16.47
C24 R78 D . 12.40 26.16 -18.12
C28 R78 D . 14.46 25.62 -16.93
O2 R78 D . 12.72 21.71 -15.45
N6 R78 D . 11.59 23.62 -15.45
C29 R78 D . 13.67 24.82 -15.89
N7 R78 D . 13.65 26.68 -17.53
C30 R78 D . 14.43 27.33 -18.60
C23 R78 D . 11.58 25.39 -17.09
C18 R78 D . 11.02 21.87 -13.82
C16 R78 D . 10.69 20.24 -12.05
C19 R78 D . 9.92 22.59 -13.35
N5 R78 D . 8.84 20.57 -10.48
C1 R78 D . 7.78 21.15 -9.85
N2 R78 D . 7.18 22.31 -10.20
C2 R78 D . 6.12 22.81 -9.54
C14 R78 D . 6.54 24.09 -13.30
C12 R78 D . 6.03 25.68 -11.57
C9 R78 D . 5.27 25.78 -8.20
O1 R78 D . 3.09 24.15 -7.20
N4 R78 D . 4.56 22.52 -7.60
C11 R78 D . 4.01 21.61 -6.59
C3 R78 D . 5.65 22.07 -8.34
#